data_6JMV
#
_entry.id   6JMV
#
_cell.length_a   56.460
_cell.length_b   88.030
_cell.length_c   130.470
_cell.angle_alpha   90.00
_cell.angle_beta   90.00
_cell.angle_gamma   90.00
#
_symmetry.space_group_name_H-M   'P 2 21 2'
#
loop_
_entity.id
_entity.type
_entity.pdbx_description
1 polymer 'Glutamate receptor ionotropic, kainate 3'
2 non-polymer 2S,4R-4-METHYLGLUTAMATE
3 non-polymer 'CHLORIDE ION'
4 non-polymer 'ZINC ION'
5 non-polymer GLYCEROL
6 non-polymer 'ACETATE ION'
7 non-polymer 'SODIUM ION'
8 water water
#
_entity_poly.entity_id   1
_entity_poly.type   'polypeptide(L)'
_entity_poly.pdbx_seq_one_letter_code
;GSNRSLIVTTLLEEPFVMFRKSDRTLYGNDRFEGYCIDLLKELAHILGFSYEIRLVEDGKYGAQDDKGQWNGMVKELIDH
KADLAVAPLTITHVREKAIDFSKPFMTLGVSILYRKGTPIDSADDLAKQTKIEYGAVKDGATMTFFKKSKISTFEKMWAF
MSSKPSALVKNNEEGIQRTLTADYALLMESTTIEYITQRNCNLTQIGGLIDSKGYGIGTPMGSPYRDKITIAILQLQEED
KLHIMKEKWWRGSGCPE
;
_entity_poly.pdbx_strand_id   A,B
#
# COMPACT_ATOMS: atom_id res chain seq x y z
N GLY A 1 25.13 -23.36 12.82
CA GLY A 1 24.10 -23.07 13.87
C GLY A 1 24.54 -23.44 15.28
N SER A 2 24.20 -22.59 16.25
CA SER A 2 24.62 -22.76 17.63
C SER A 2 23.44 -22.61 18.59
N ASN A 3 23.63 -23.13 19.80
CA ASN A 3 22.68 -22.93 20.88
C ASN A 3 23.18 -21.76 21.73
N ARG A 4 22.36 -20.73 21.89
CA ARG A 4 22.75 -19.54 22.66
C ARG A 4 21.47 -18.77 22.97
N SER A 5 21.58 -17.76 23.83
CA SER A 5 20.43 -16.87 24.07
C SER A 5 20.19 -15.93 22.89
N LEU A 6 18.92 -15.56 22.71
CA LEU A 6 18.58 -14.63 21.64
C LEU A 6 18.84 -13.20 22.09
N ILE A 7 19.29 -12.35 21.17
CA ILE A 7 19.48 -10.93 21.44
C ILE A 7 18.23 -10.20 20.94
N VAL A 8 17.57 -9.46 21.82
CA VAL A 8 16.34 -8.77 21.47
C VAL A 8 16.64 -7.28 21.42
N THR A 9 16.47 -6.67 20.24
CA THR A 9 16.61 -5.22 20.12
C THR A 9 15.26 -4.57 20.39
N THR A 10 15.27 -3.40 21.02
CA THR A 10 14.02 -2.69 21.35
C THR A 10 14.34 -1.22 21.65
N LEU A 11 13.30 -0.47 21.99
CA LEU A 11 13.51 0.91 22.43
C LEU A 11 12.43 1.34 23.41
N LEU A 12 12.67 2.46 24.06
CA LEU A 12 11.77 2.89 25.11
C LEU A 12 10.55 3.54 24.47
N GLU A 13 9.38 3.14 24.91
CA GLU A 13 8.14 3.68 24.36
C GLU A 13 7.00 3.21 25.23
N GLU A 14 6.26 4.13 25.90
CA GLU A 14 5.16 3.73 26.80
C GLU A 14 3.91 3.39 25.99
N PRO A 15 3.13 2.40 26.42
CA PRO A 15 3.36 1.48 27.53
C PRO A 15 3.99 0.15 27.05
N PHE A 16 4.75 0.17 25.95
CA PHE A 16 5.28 -1.06 25.39
C PHE A 16 6.55 -1.50 26.11
N VAL A 17 7.49 -0.58 26.27
CA VAL A 17 8.76 -0.87 26.91
C VAL A 17 9.17 0.35 27.73
N MET A 18 9.35 0.16 29.03
CA MET A 18 9.67 1.23 29.95
C MET A 18 10.69 0.75 30.98
N PHE A 19 11.44 1.69 31.54
CA PHE A 19 12.28 1.37 32.70
C PHE A 19 11.37 1.26 33.92
N ARG A 20 11.34 0.10 34.56
CA ARG A 20 10.43 -0.03 35.68
C ARG A 20 10.97 0.75 36.87
N LYS A 21 10.08 1.32 37.66
CA LYS A 21 10.48 2.18 38.76
C LYS A 21 10.78 1.33 39.98
N SER A 22 11.99 1.50 40.51
CA SER A 22 12.48 0.78 41.68
C SER A 22 13.46 1.68 42.41
N ASP A 23 13.73 1.36 43.67
CA ASP A 23 14.78 2.05 44.40
C ASP A 23 15.87 1.11 44.87
N ARG A 24 15.77 -0.18 44.61
CA ARG A 24 16.93 -1.04 44.41
C ARG A 24 17.26 -0.98 42.93
N THR A 25 18.54 -0.78 42.60
CA THR A 25 18.91 -0.61 41.20
C THR A 25 18.92 -1.95 40.47
N LEU A 26 18.39 -1.95 39.23
CA LEU A 26 18.15 -3.18 38.50
C LEU A 26 19.08 -3.30 37.30
N TYR A 27 19.37 -4.54 36.94
CA TYR A 27 20.32 -4.86 35.87
C TYR A 27 19.68 -5.78 34.84
N GLY A 28 20.23 -5.74 33.62
CA GLY A 28 19.79 -6.65 32.58
C GLY A 28 18.31 -6.55 32.32
N ASN A 29 17.71 -7.69 32.00
CA ASN A 29 16.31 -7.73 31.59
C ASN A 29 15.39 -7.19 32.66
N ASP A 30 15.82 -7.26 33.92
CA ASP A 30 14.99 -6.84 35.05
C ASP A 30 14.73 -5.35 35.05
N ARG A 31 15.45 -4.60 34.22
CA ARG A 31 15.23 -3.17 34.18
C ARG A 31 13.91 -2.78 33.50
N PHE A 32 13.22 -3.70 32.83
CA PHE A 32 12.21 -3.34 31.85
C PHE A 32 10.84 -3.87 32.22
N GLU A 33 9.82 -3.12 31.82
CA GLU A 33 8.45 -3.61 31.92
C GLU A 33 7.65 -3.02 30.79
N GLY A 34 6.45 -3.55 30.60
CA GLY A 34 5.61 -3.08 29.51
C GLY A 34 4.92 -4.18 28.75
N TYR A 35 3.99 -3.80 27.87
CA TYR A 35 3.27 -4.75 27.05
C TYR A 35 4.22 -5.64 26.24
N CYS A 36 5.26 -5.05 25.63
CA CYS A 36 6.17 -5.87 24.81
C CYS A 36 7.07 -6.75 25.67
N ILE A 37 7.42 -6.29 26.88
CA ILE A 37 8.17 -7.12 27.82
C ILE A 37 7.34 -8.34 28.21
N ASP A 38 6.07 -8.15 28.57
CA ASP A 38 5.18 -9.30 28.81
C ASP A 38 5.08 -10.22 27.59
N LEU A 39 4.83 -9.64 26.42
CA LEU A 39 4.73 -10.45 25.21
C LEU A 39 6.02 -11.27 25.02
N LEU A 40 7.17 -10.62 25.13
CA LEU A 40 8.43 -11.38 25.06
C LEU A 40 8.47 -12.52 26.06
N LYS A 41 8.11 -12.26 27.31
CA LYS A 41 8.15 -13.32 28.32
C LYS A 41 7.28 -14.50 27.92
N GLU A 42 6.08 -14.22 27.38
CA GLU A 42 5.19 -15.29 26.97
C GLU A 42 5.74 -16.04 25.76
N LEU A 43 6.27 -15.30 24.79
CA LEU A 43 6.82 -15.95 23.61
C LEU A 43 8.01 -16.84 23.97
N ALA A 44 8.91 -16.33 24.82
CA ALA A 44 10.07 -17.10 25.26
C ALA A 44 9.65 -18.37 25.98
N HIS A 45 8.62 -18.29 26.82
CA HIS A 45 8.16 -19.48 27.53
C HIS A 45 7.60 -20.50 26.57
N ILE A 46 6.78 -20.05 25.61
CA ILE A 46 6.12 -20.98 24.68
C ILE A 46 7.15 -21.71 23.81
N LEU A 47 8.06 -20.93 23.24
CA LEU A 47 9.07 -21.40 22.32
C LEU A 47 10.33 -21.91 23.02
N GLY A 48 10.53 -21.62 24.30
CA GLY A 48 11.62 -22.27 25.02
C GLY A 48 12.99 -21.63 24.93
N PHE A 49 13.07 -20.32 24.75
CA PHE A 49 14.35 -19.67 24.57
C PHE A 49 14.58 -18.66 25.68
N SER A 50 15.86 -18.49 26.00
CA SER A 50 16.36 -17.42 26.85
C SER A 50 16.82 -16.26 25.98
N TYR A 51 16.90 -15.07 26.58
CA TYR A 51 17.16 -13.89 25.79
C TYR A 51 17.80 -12.80 26.61
N GLU A 52 18.35 -11.81 25.91
CA GLU A 52 18.91 -10.61 26.52
C GLU A 52 18.42 -9.38 25.76
N ILE A 53 17.82 -8.43 26.46
CA ILE A 53 17.25 -7.22 25.87
C ILE A 53 18.32 -6.13 25.77
N ARG A 54 18.44 -5.54 24.59
CA ARG A 54 19.36 -4.42 24.36
C ARG A 54 18.65 -3.28 23.66
N LEU A 55 18.71 -2.09 24.25
CA LEU A 55 18.16 -0.92 23.58
C LEU A 55 19.02 -0.55 22.38
N VAL A 56 18.34 -0.22 21.28
CA VAL A 56 19.02 0.15 20.04
C VAL A 56 19.70 1.50 20.25
N GLU A 57 20.97 1.59 19.86
CA GLU A 57 21.79 2.74 20.25
C GLU A 57 21.21 4.06 19.77
N ASP A 58 20.71 4.11 18.54
CA ASP A 58 20.25 5.38 18.01
C ASP A 58 18.83 5.68 18.41
N GLY A 59 18.18 4.80 19.16
CA GLY A 59 16.83 5.08 19.59
C GLY A 59 15.78 5.15 18.49
N LYS A 60 16.04 4.60 17.31
CA LYS A 60 15.16 4.77 16.16
C LYS A 60 14.47 3.48 15.74
N TYR A 61 13.26 3.60 15.20
CA TYR A 61 12.48 2.44 14.68
C TYR A 61 13.17 1.89 13.43
N GLY A 62 13.51 2.77 12.49
CA GLY A 62 14.20 2.38 11.26
C GLY A 62 13.63 3.06 10.00
N ALA A 63 14.45 3.78 9.24
CA ALA A 63 14.05 4.45 7.99
C ALA A 63 15.25 4.39 7.04
N GLN A 64 15.00 4.50 5.74
CA GLN A 64 16.07 4.46 4.71
C GLN A 64 16.53 5.88 4.38
N ASP A 65 17.82 6.05 4.12
CA ASP A 65 18.38 7.32 3.67
C ASP A 65 18.32 7.38 2.14
N ASP A 66 18.84 8.47 1.58
CA ASP A 66 18.80 8.64 0.13
C ASP A 66 19.66 7.62 -0.59
N LYS A 67 20.63 7.01 0.09
CA LYS A 67 21.41 5.92 -0.48
C LYS A 67 20.75 4.56 -0.32
N GLY A 68 19.70 4.46 0.51
CA GLY A 68 19.03 3.21 0.76
C GLY A 68 19.45 2.49 2.03
N GLN A 69 20.30 3.09 2.85
CA GLN A 69 20.80 2.48 4.07
C GLN A 69 19.81 2.71 5.20
N TRP A 70 19.61 1.68 6.02
CA TRP A 70 18.64 1.70 7.11
C TRP A 70 19.30 2.14 8.42
N ASN A 71 18.48 2.64 9.33
CA ASN A 71 18.93 2.87 10.70
C ASN A 71 17.98 2.18 11.68
N GLY A 72 18.14 2.46 12.97
CA GLY A 72 17.25 1.95 14.02
C GLY A 72 17.26 0.43 14.17
N MET A 73 16.16 -0.07 14.74
CA MET A 73 16.01 -1.51 14.93
C MET A 73 16.07 -2.27 13.61
N VAL A 74 15.50 -1.71 12.54
CA VAL A 74 15.59 -2.40 11.27
C VAL A 74 17.04 -2.70 10.91
N LYS A 75 17.92 -1.71 11.05
CA LYS A 75 19.32 -1.89 10.70
C LYS A 75 20.00 -2.94 11.57
N GLU A 76 19.67 -2.96 12.88
CA GLU A 76 20.19 -4.01 13.76
C GLU A 76 19.87 -5.39 13.21
N LEU A 77 18.62 -5.62 12.80
CA LEU A 77 18.24 -6.89 12.21
C LEU A 77 18.98 -7.15 10.90
N ILE A 78 19.02 -6.16 10.00
CA ILE A 78 19.73 -6.34 8.73
C ILE A 78 21.18 -6.75 8.98
N ASP A 79 21.83 -6.10 9.93
CA ASP A 79 23.23 -6.37 10.24
C ASP A 79 23.40 -7.59 11.13
N HIS A 80 22.30 -8.26 11.48
CA HIS A 80 22.38 -9.44 12.32
C HIS A 80 23.07 -9.13 13.65
N LYS A 81 22.73 -7.97 14.24
CA LYS A 81 23.16 -7.66 15.60
C LYS A 81 22.10 -8.04 16.62
N ALA A 82 20.89 -8.38 16.18
CA ALA A 82 19.84 -8.89 17.04
C ALA A 82 19.14 -10.02 16.30
N ASP A 83 18.58 -10.96 17.07
CA ASP A 83 17.76 -12.01 16.49
C ASP A 83 16.30 -11.61 16.37
N LEU A 84 15.83 -10.76 17.28
CA LEU A 84 14.43 -10.31 17.34
C LEU A 84 14.36 -8.82 17.64
N ALA A 85 13.42 -8.13 17.00
CA ALA A 85 13.08 -6.76 17.40
C ALA A 85 11.71 -6.93 18.03
N VAL A 86 11.63 -6.69 19.33
CA VAL A 86 10.38 -6.78 20.07
C VAL A 86 10.02 -5.38 20.53
N ALA A 87 9.10 -4.75 19.81
CA ALA A 87 8.77 -3.34 19.97
C ALA A 87 7.49 -3.05 19.19
N PRO A 88 6.88 -1.86 19.36
CA PRO A 88 5.74 -1.49 18.50
C PRO A 88 6.26 -1.21 17.10
N LEU A 89 6.66 -2.26 16.37
CA LEU A 89 7.38 -2.13 15.10
C LEU A 89 6.38 -2.36 13.97
N THR A 90 6.09 -1.31 13.22
CA THR A 90 5.06 -1.40 12.21
C THR A 90 5.49 -2.29 11.05
N ILE A 91 4.63 -3.24 10.70
CA ILE A 91 4.83 -4.00 9.47
C ILE A 91 4.51 -3.10 8.27
N THR A 92 5.50 -2.88 7.41
CA THR A 92 5.30 -2.20 6.14
C THR A 92 5.92 -2.96 4.97
N HIS A 93 5.30 -2.80 3.81
CA HIS A 93 5.76 -3.48 2.61
C HIS A 93 7.19 -3.10 2.26
N VAL A 94 7.57 -1.86 2.51
CA VAL A 94 8.94 -1.44 2.27
C VAL A 94 9.87 -2.19 3.22
N ARG A 95 9.50 -2.28 4.50
CA ARG A 95 10.40 -2.93 5.46
C ARG A 95 10.51 -4.40 5.16
N GLU A 96 9.47 -4.98 4.59
CA GLU A 96 9.51 -6.41 4.33
C GLU A 96 10.55 -6.80 3.29
N LYS A 97 11.08 -5.84 2.54
CA LYS A 97 12.13 -6.09 1.57
C LYS A 97 13.49 -6.18 2.23
N ALA A 98 13.59 -5.77 3.50
CA ALA A 98 14.85 -5.75 4.22
C ALA A 98 14.86 -6.73 5.39
N ILE A 99 13.73 -6.93 6.05
CA ILE A 99 13.66 -7.82 7.20
C ILE A 99 12.40 -8.66 7.07
N ASP A 100 12.25 -9.63 7.97
CA ASP A 100 11.04 -10.43 8.06
C ASP A 100 10.22 -10.05 9.30
N PHE A 101 8.91 -10.28 9.20
CA PHE A 101 7.96 -9.96 10.27
C PHE A 101 7.11 -11.18 10.60
N SER A 102 6.88 -11.39 11.88
CA SER A 102 5.83 -12.30 12.29
C SER A 102 4.50 -11.74 11.84
N LYS A 103 3.48 -12.56 11.95
CA LYS A 103 2.15 -12.01 11.87
C LYS A 103 1.97 -10.97 12.97
N PRO A 104 1.02 -10.06 12.81
CA PRO A 104 0.90 -8.98 13.79
C PRO A 104 0.40 -9.48 15.12
N PHE A 105 0.91 -8.89 16.20
CA PHE A 105 0.34 -9.15 17.51
C PHE A 105 -0.63 -8.07 17.93
N MET A 106 -0.60 -6.94 17.23
CA MET A 106 -1.50 -5.83 17.47
C MET A 106 -1.74 -5.14 16.15
N THR A 107 -2.96 -4.65 15.95
CA THR A 107 -3.28 -3.83 14.80
C THR A 107 -3.66 -2.42 15.19
N LEU A 108 -3.60 -1.54 14.20
CA LEU A 108 -3.63 -0.10 14.43
C LEU A 108 -3.75 0.63 13.09
N GLY A 109 -3.97 1.93 13.16
CA GLY A 109 -3.84 2.78 11.99
C GLY A 109 -3.26 4.12 12.37
N VAL A 110 -2.81 4.85 11.35
CA VAL A 110 -2.42 6.22 11.57
C VAL A 110 -3.64 7.09 11.79
N SER A 111 -3.58 7.95 12.80
CA SER A 111 -4.62 8.94 13.02
C SER A 111 -3.96 10.22 13.54
N ILE A 112 -4.75 11.09 14.14
CA ILE A 112 -4.31 12.45 14.50
C ILE A 112 -4.51 12.69 15.99
N LEU A 113 -3.47 13.20 16.66
CA LEU A 113 -3.54 13.63 18.06
C LEU A 113 -3.55 15.14 18.08
N TYR A 114 -4.58 15.70 18.70
CA TYR A 114 -4.76 17.14 18.75
C TYR A 114 -5.55 17.49 20.00
N ARG A 115 -5.73 18.78 20.22
CA ARG A 115 -6.47 19.25 21.37
C ARG A 115 -7.96 19.07 21.12
N LYS A 116 -8.71 18.94 22.21
CA LYS A 116 -10.16 18.92 22.08
C LYS A 116 -10.70 20.33 21.80
N GLY A 117 -11.93 20.37 21.30
CA GLY A 117 -12.65 21.62 21.16
C GLY A 117 -12.37 22.43 19.93
N THR A 118 -11.61 21.91 18.98
CA THR A 118 -11.36 22.63 17.75
C THR A 118 -12.30 22.14 16.67
N PRO A 119 -12.42 22.88 15.57
CA PRO A 119 -13.27 22.44 14.45
C PRO A 119 -12.57 21.50 13.47
N ILE A 120 -11.34 21.07 13.75
CA ILE A 120 -10.62 20.17 12.87
C ILE A 120 -11.18 18.75 13.04
N ASP A 121 -11.46 18.09 11.92
CA ASP A 121 -12.14 16.82 11.94
C ASP A 121 -11.48 15.76 11.08
N SER A 122 -10.43 16.10 10.33
CA SER A 122 -9.87 15.13 9.40
C SER A 122 -8.51 15.62 8.95
N ALA A 123 -7.74 14.71 8.36
CA ALA A 123 -6.45 15.10 7.79
C ALA A 123 -6.62 16.12 6.66
N ASP A 124 -7.76 16.10 5.96
CA ASP A 124 -7.99 17.07 4.90
C ASP A 124 -8.03 18.49 5.45
N ASP A 125 -8.66 18.69 6.61
CA ASP A 125 -8.65 20.02 7.24
C ASP A 125 -7.22 20.50 7.49
N LEU A 126 -6.33 19.59 7.91
CA LEU A 126 -4.95 20.00 8.17
C LEU A 126 -4.23 20.36 6.87
N ALA A 127 -4.38 19.55 5.83
CA ALA A 127 -3.80 19.88 4.54
C ALA A 127 -4.45 21.12 3.93
N LYS A 128 -5.70 21.41 4.32
CA LYS A 128 -6.38 22.61 3.85
C LYS A 128 -5.65 23.88 4.25
N GLN A 129 -5.01 23.87 5.43
CA GLN A 129 -4.67 25.12 6.08
C GLN A 129 -3.21 25.25 6.43
N THR A 130 -2.89 26.27 7.24
CA THR A 130 -1.51 26.65 7.54
C THR A 130 -1.29 27.09 8.99
N LYS A 131 -2.30 27.60 9.68
CA LYS A 131 -2.10 28.08 11.05
C LYS A 131 -1.62 26.94 11.94
N ILE A 132 -2.22 25.76 11.80
CA ILE A 132 -1.89 24.63 12.65
C ILE A 132 -0.77 23.85 12.00
N GLU A 133 0.36 23.73 12.72
CA GLU A 133 1.46 22.87 12.32
C GLU A 133 1.10 21.42 12.58
N TYR A 134 1.65 20.52 11.76
CA TYR A 134 1.42 19.11 11.98
C TYR A 134 2.66 18.35 11.54
N GLY A 135 2.85 17.18 12.12
CA GLY A 135 4.06 16.43 11.84
C GLY A 135 3.94 14.99 12.28
N ALA A 136 5.10 14.35 12.39
CA ALA A 136 5.20 12.95 12.78
C ALA A 136 6.60 12.73 13.36
N VAL A 137 6.80 11.52 13.92
CA VAL A 137 8.14 11.14 14.39
C VAL A 137 9.06 10.90 13.21
N LYS A 138 10.31 11.36 13.33
CA LYS A 138 11.29 11.13 12.26
C LYS A 138 11.82 9.70 12.23
N ASP A 139 12.14 9.25 11.02
CA ASP A 139 12.65 7.89 10.81
C ASP A 139 11.68 6.83 11.33
N GLY A 140 10.37 7.03 11.05
CA GLY A 140 9.32 6.13 11.49
C GLY A 140 8.37 5.73 10.37
N ALA A 141 7.61 4.68 10.63
CA ALA A 141 6.60 4.27 9.65
C ALA A 141 5.66 5.40 9.26
N THR A 142 5.24 6.24 10.22
CA THR A 142 4.23 7.24 9.88
C THR A 142 4.81 8.31 8.97
N MET A 143 6.05 8.70 9.22
CA MET A 143 6.72 9.62 8.33
C MET A 143 6.87 9.03 6.94
N THR A 144 7.44 7.83 6.86
CA THR A 144 7.59 7.17 5.57
C THR A 144 6.24 7.07 4.84
N PHE A 145 5.14 6.89 5.57
CA PHE A 145 3.83 6.83 4.91
C PHE A 145 3.57 8.08 4.10
N PHE A 146 3.85 9.26 4.67
CA PHE A 146 3.60 10.52 3.97
C PHE A 146 4.66 10.80 2.91
N LYS A 147 5.92 10.43 3.20
CA LYS A 147 6.98 10.70 2.23
C LYS A 147 6.83 9.86 0.98
N LYS A 148 6.13 8.73 1.07
CA LYS A 148 5.96 7.83 -0.04
C LYS A 148 4.57 7.87 -0.64
N SER A 149 3.63 8.59 -0.03
CA SER A 149 2.28 8.60 -0.57
C SER A 149 2.27 9.16 -1.99
N LYS A 150 1.30 8.69 -2.76
CA LYS A 150 1.02 9.28 -4.06
C LYS A 150 -0.40 9.83 -4.10
N ILE A 151 -1.05 9.95 -2.94
CA ILE A 151 -2.33 10.63 -2.81
C ILE A 151 -2.05 12.10 -2.56
N SER A 152 -2.69 12.97 -3.35
CA SER A 152 -2.37 14.39 -3.34
C SER A 152 -2.42 14.97 -1.92
N THR A 153 -3.52 14.72 -1.20
CA THR A 153 -3.64 15.26 0.16
C THR A 153 -2.41 14.95 1.00
N PHE A 154 -1.96 13.70 0.98
CA PHE A 154 -0.82 13.31 1.81
C PHE A 154 0.50 13.76 1.20
N GLU A 155 0.57 13.91 -0.13
CA GLU A 155 1.75 14.51 -0.73
C GLU A 155 1.90 15.96 -0.27
N LYS A 156 0.78 16.70 -0.21
CA LYS A 156 0.82 18.07 0.27
C LYS A 156 1.29 18.12 1.71
N MET A 157 0.71 17.26 2.56
CA MET A 157 1.09 17.25 3.96
C MET A 157 2.55 16.89 4.12
N TRP A 158 3.07 15.99 3.28
CA TRP A 158 4.49 15.68 3.39
C TRP A 158 5.34 16.88 3.01
N ALA A 159 4.94 17.61 1.97
CA ALA A 159 5.65 18.83 1.60
C ALA A 159 5.73 19.78 2.79
N PHE A 160 4.59 20.04 3.43
CA PHE A 160 4.53 20.87 4.62
C PHE A 160 5.49 20.37 5.69
N MET A 161 5.27 19.17 6.19
CA MET A 161 6.09 18.64 7.26
C MET A 161 7.57 18.79 6.94
N SER A 162 7.97 18.12 5.87
CA SER A 162 9.33 18.08 5.34
C SER A 162 10.02 19.43 5.33
N SER A 163 9.27 20.51 5.09
CA SER A 163 9.88 21.82 4.92
C SER A 163 10.02 22.56 6.24
N LYS A 164 9.30 22.14 7.25
CA LYS A 164 9.42 22.73 8.57
C LYS A 164 10.41 21.93 9.38
N PRO A 165 11.57 22.50 9.76
CA PRO A 165 12.56 21.71 10.51
C PRO A 165 12.15 21.34 11.91
N SER A 166 10.93 21.70 12.32
CA SER A 166 10.41 21.40 13.63
C SER A 166 9.31 20.36 13.64
N ALA A 167 8.58 20.20 12.54
CA ALA A 167 7.40 19.34 12.54
C ALA A 167 7.75 17.87 12.70
N LEU A 168 8.90 17.43 12.19
CA LEU A 168 9.28 16.03 12.31
C LEU A 168 10.04 15.87 13.62
N VAL A 169 9.40 15.25 14.60
CA VAL A 169 9.91 15.27 15.96
C VAL A 169 10.75 14.02 16.19
N LYS A 170 11.58 14.07 17.24
CA LYS A 170 12.52 12.99 17.51
C LYS A 170 11.80 11.72 17.96
N ASN A 171 10.71 11.85 18.71
CA ASN A 171 10.05 10.69 19.27
C ASN A 171 8.64 11.11 19.69
N ASN A 172 7.88 10.13 20.18
CA ASN A 172 6.51 10.40 20.64
C ASN A 172 6.45 11.41 21.77
N GLU A 173 7.40 11.36 22.71
CA GLU A 173 7.38 12.27 23.85
C GLU A 173 7.49 13.72 23.40
N GLU A 174 8.40 14.00 22.49
CA GLU A 174 8.54 15.36 21.98
C GLU A 174 7.34 15.79 21.14
N GLY A 175 6.70 14.83 20.45
CA GLY A 175 5.50 15.16 19.70
C GLY A 175 4.35 15.53 20.62
N ILE A 176 4.17 14.76 21.70
CA ILE A 176 3.14 15.04 22.67
C ILE A 176 3.37 16.41 23.29
N GLN A 177 4.62 16.73 23.63
CA GLN A 177 4.89 18.00 24.26
C GLN A 177 4.56 19.15 23.31
N ARG A 178 4.89 18.99 22.03
CA ARG A 178 4.57 20.03 21.06
C ARG A 178 3.06 20.23 20.97
N THR A 179 2.29 19.14 21.05
CA THR A 179 0.85 19.27 21.02
C THR A 179 0.37 20.01 22.25
N LEU A 180 1.12 19.95 23.34
CA LEU A 180 0.70 20.56 24.59
C LEU A 180 1.13 22.00 24.70
N THR A 181 2.07 22.43 23.89
CA THR A 181 2.68 23.74 24.05
C THR A 181 2.53 24.61 22.82
N ALA A 182 2.14 24.06 21.69
CA ALA A 182 2.01 24.86 20.48
C ALA A 182 0.76 24.43 19.75
N ASP A 183 0.38 25.21 18.74
CA ASP A 183 -0.77 24.86 17.89
C ASP A 183 -0.29 23.80 16.91
N TYR A 184 -0.38 22.53 17.30
CA TYR A 184 0.30 21.46 16.59
C TYR A 184 -0.45 20.16 16.73
N ALA A 185 -0.68 19.49 15.61
CA ALA A 185 -1.30 18.17 15.61
C ALA A 185 -0.25 17.13 15.22
N LEU A 186 -0.29 15.99 15.89
CA LEU A 186 0.69 14.94 15.69
C LEU A 186 0.04 13.79 14.92
N LEU A 187 0.62 13.43 13.77
CA LEU A 187 0.24 12.19 13.11
C LEU A 187 0.89 11.02 13.84
N MET A 188 0.07 10.07 14.29
CA MET A 188 0.51 9.17 15.33
C MET A 188 -0.35 7.92 15.23
N GLU A 189 0.23 6.79 15.62
CA GLU A 189 -0.46 5.52 15.49
C GLU A 189 -1.52 5.38 16.56
N SER A 190 -2.63 4.72 16.20
CA SER A 190 -3.86 4.86 16.99
C SER A 190 -3.73 4.25 18.37
N THR A 191 -2.89 3.22 18.51
CA THR A 191 -2.70 2.58 19.81
C THR A 191 -2.08 3.53 20.82
N THR A 192 -1.07 4.25 20.40
CA THR A 192 -0.49 5.24 21.27
C THR A 192 -1.46 6.38 21.55
N ILE A 193 -2.29 6.76 20.58
CA ILE A 193 -3.29 7.82 20.84
C ILE A 193 -4.26 7.35 21.92
N GLU A 194 -4.73 6.10 21.83
CA GLU A 194 -5.60 5.56 22.87
C GLU A 194 -4.91 5.65 24.23
N TYR A 195 -3.62 5.33 24.27
CA TYR A 195 -2.89 5.36 25.54
C TYR A 195 -2.86 6.79 26.10
N ILE A 196 -2.50 7.77 25.28
CA ILE A 196 -2.39 9.16 25.74
C ILE A 196 -3.76 9.74 26.09
N THR A 197 -4.77 9.53 25.25
CA THR A 197 -6.07 10.20 25.47
C THR A 197 -6.80 9.62 26.66
N GLN A 198 -6.46 8.39 27.07
CA GLN A 198 -6.99 7.87 28.32
C GLN A 198 -6.37 8.52 29.55
N ARG A 199 -5.19 9.15 29.40
CA ARG A 199 -4.48 9.73 30.52
CA ARG A 199 -4.45 9.73 30.50
C ARG A 199 -4.45 11.25 30.49
N ASN A 200 -4.85 11.85 29.38
CA ASN A 200 -4.81 13.31 29.22
C ASN A 200 -6.12 13.72 28.57
N CYS A 201 -7.02 14.26 29.40
CA CYS A 201 -8.40 14.52 29.01
C CYS A 201 -8.52 15.73 28.11
N ASN A 202 -7.43 16.48 27.91
CA ASN A 202 -7.47 17.63 27.02
C ASN A 202 -7.00 17.28 25.62
N LEU A 203 -6.62 16.04 25.38
CA LEU A 203 -6.22 15.62 24.05
C LEU A 203 -7.25 14.64 23.54
N THR A 204 -7.27 14.50 22.22
CA THR A 204 -8.18 13.57 21.58
C THR A 204 -7.64 13.12 20.24
N GLN A 205 -8.24 12.06 19.72
CA GLN A 205 -8.02 11.65 18.34
C GLN A 205 -8.93 12.46 17.43
N ILE A 206 -8.37 12.92 16.32
CA ILE A 206 -9.10 13.70 15.33
C ILE A 206 -9.31 12.80 14.13
N GLY A 207 -10.58 12.53 13.82
CA GLY A 207 -10.90 11.66 12.72
C GLY A 207 -10.74 10.19 13.10
N GLY A 208 -10.76 9.37 12.06
CA GLY A 208 -10.56 7.95 12.20
C GLY A 208 -9.17 7.54 11.76
N LEU A 209 -9.04 6.27 11.43
CA LEU A 209 -7.77 5.75 10.92
C LEU A 209 -7.57 6.10 9.46
N ILE A 210 -6.40 6.68 9.16
CA ILE A 210 -6.06 6.96 7.78
C ILE A 210 -5.60 5.72 7.04
N ASP A 211 -5.08 4.69 7.73
CA ASP A 211 -4.70 3.44 7.09
C ASP A 211 -4.89 2.32 8.11
N SER A 212 -4.45 1.13 7.76
CA SER A 212 -4.67 -0.02 8.64
C SER A 212 -3.45 -0.91 8.53
N LYS A 213 -2.89 -1.31 9.67
CA LYS A 213 -1.70 -2.14 9.65
C LYS A 213 -1.51 -2.79 11.01
N GLY A 214 -0.33 -3.39 11.21
CA GLY A 214 -0.05 -4.22 12.36
C GLY A 214 1.35 -3.96 12.88
N TYR A 215 1.55 -4.33 14.14
CA TYR A 215 2.85 -4.44 14.78
C TYR A 215 3.24 -5.90 14.70
N GLY A 216 4.46 -6.18 14.28
CA GLY A 216 4.96 -7.53 14.29
C GLY A 216 6.34 -7.56 14.94
N ILE A 217 6.71 -8.77 15.34
CA ILE A 217 8.07 -9.00 15.79
C ILE A 217 8.95 -9.09 14.57
N GLY A 218 10.04 -8.34 14.55
CA GLY A 218 10.93 -8.37 13.41
C GLY A 218 12.07 -9.34 13.62
N THR A 219 12.47 -10.00 12.54
CA THR A 219 13.63 -10.88 12.53
C THR A 219 14.50 -10.55 11.32
N PRO A 220 15.78 -10.96 11.33
CA PRO A 220 16.55 -10.93 10.09
C PRO A 220 15.86 -11.76 9.02
N MET A 221 16.00 -11.33 7.78
CA MET A 221 15.39 -12.02 6.66
C MET A 221 15.79 -13.48 6.66
N GLY A 222 14.80 -14.35 6.54
CA GLY A 222 15.06 -15.75 6.49
C GLY A 222 15.21 -16.41 7.83
N SER A 223 15.12 -15.67 8.92
CA SER A 223 15.26 -16.34 10.20
C SER A 223 14.20 -17.44 10.39
N PRO A 224 14.58 -18.62 10.90
CA PRO A 224 13.57 -19.63 11.27
C PRO A 224 12.67 -19.20 12.42
N TYR A 225 13.07 -18.20 13.22
CA TYR A 225 12.22 -17.81 14.33
C TYR A 225 10.98 -17.06 13.88
N ARG A 226 10.96 -16.52 12.65
CA ARG A 226 9.81 -15.70 12.30
C ARG A 226 8.53 -16.52 12.35
N ASP A 227 8.52 -17.69 11.73
CA ASP A 227 7.33 -18.53 11.73
C ASP A 227 7.03 -19.12 13.11
N LYS A 228 8.06 -19.40 13.90
CA LYS A 228 7.82 -19.83 15.26
C LYS A 228 7.12 -18.75 16.08
N ILE A 229 7.59 -17.52 15.97
CA ILE A 229 6.97 -16.42 16.70
C ILE A 229 5.53 -16.26 16.24
N THR A 230 5.31 -16.42 14.93
CA THR A 230 3.95 -16.31 14.40
C THR A 230 3.04 -17.34 15.06
N ILE A 231 3.52 -18.57 15.18
CA ILE A 231 2.71 -19.63 15.76
C ILE A 231 2.44 -19.35 17.23
N ALA A 232 3.44 -18.87 17.96
CA ALA A 232 3.25 -18.53 19.37
C ALA A 232 2.30 -17.35 19.53
N ILE A 233 2.37 -16.37 18.64
CA ILE A 233 1.43 -15.26 18.72
C ILE A 233 0.01 -15.78 18.54
N LEU A 234 -0.19 -16.69 17.60
CA LEU A 234 -1.52 -17.25 17.41
C LEU A 234 -2.00 -18.02 18.63
N GLN A 235 -1.08 -18.70 19.34
CA GLN A 235 -1.48 -19.36 20.56
C GLN A 235 -1.88 -18.37 21.65
N LEU A 236 -1.11 -17.28 21.81
CA LEU A 236 -1.47 -16.28 22.80
C LEU A 236 -2.79 -15.61 22.47
N GLN A 237 -3.07 -15.44 21.18
CA GLN A 237 -4.34 -14.87 20.80
C GLN A 237 -5.45 -15.81 21.21
N GLU A 238 -5.32 -17.09 20.84
CA GLU A 238 -6.36 -18.06 21.14
C GLU A 238 -6.57 -18.22 22.63
N GLU A 239 -5.50 -18.13 23.42
CA GLU A 239 -5.59 -18.30 24.87
C GLU A 239 -6.11 -17.05 25.57
N ASP A 240 -6.33 -15.96 24.84
CA ASP A 240 -6.88 -14.70 25.36
C ASP A 240 -5.80 -13.83 26.01
N LYS A 241 -4.53 -14.20 25.82
CA LYS A 241 -3.49 -13.48 26.53
C LYS A 241 -3.16 -12.15 25.88
N LEU A 242 -3.33 -12.00 24.58
CA LEU A 242 -3.06 -10.68 24.03
C LEU A 242 -4.12 -9.69 24.47
N HIS A 243 -5.32 -10.20 24.67
CA HIS A 243 -6.42 -9.39 25.19
C HIS A 243 -6.11 -8.91 26.62
N ILE A 244 -5.68 -9.82 27.50
CA ILE A 244 -5.37 -9.47 28.89
C ILE A 244 -4.24 -8.46 28.92
N MET A 245 -3.23 -8.70 28.07
CA MET A 245 -2.04 -7.84 28.06
C MET A 245 -2.39 -6.42 27.62
N LYS A 246 -3.23 -6.27 26.59
CA LYS A 246 -3.59 -4.92 26.17
C LYS A 246 -4.31 -4.18 27.30
N GLU A 247 -5.34 -4.82 27.87
CA GLU A 247 -6.10 -4.22 28.97
C GLU A 247 -5.25 -4.03 30.23
N LYS A 248 -4.19 -4.81 30.42
CA LYS A 248 -3.30 -4.56 31.54
C LYS A 248 -2.56 -3.24 31.38
N TRP A 249 -2.14 -2.91 30.16
CA TRP A 249 -1.27 -1.75 29.96
C TRP A 249 -1.99 -0.54 29.40
N TRP A 250 -3.22 -0.69 28.93
CA TRP A 250 -4.11 0.40 28.51
C TRP A 250 -5.21 0.58 29.57
N ARG A 251 -4.80 0.48 30.83
CA ARG A 251 -5.74 0.35 31.97
C ARG A 251 -6.76 1.47 31.86
N GLY A 252 -6.25 2.66 31.57
CA GLY A 252 -7.05 3.88 31.39
C GLY A 252 -7.25 4.61 32.70
N SER A 253 -7.46 5.91 32.63
CA SER A 253 -7.74 6.78 33.78
C SER A 253 -9.05 7.50 33.48
N GLY A 254 -9.71 7.99 34.51
CA GLY A 254 -11.00 8.65 34.33
C GLY A 254 -10.95 9.95 33.56
N CYS A 255 -11.52 9.97 32.35
CA CYS A 255 -11.75 11.20 31.60
C CYS A 255 -13.25 11.37 31.42
N PRO A 256 -13.89 12.35 32.07
CA PRO A 256 -15.34 12.57 31.95
C PRO A 256 -15.82 12.63 30.50
N ASN B 3 -21.60 -27.99 -10.83
CA ASN B 3 -20.52 -28.72 -11.51
C ASN B 3 -20.33 -28.25 -12.95
N ARG B 4 -19.68 -27.09 -13.12
CA ARG B 4 -19.33 -26.59 -14.44
C ARG B 4 -18.24 -25.54 -14.28
N SER B 5 -17.27 -25.58 -15.19
CA SER B 5 -16.21 -24.59 -15.18
C SER B 5 -16.77 -23.19 -15.42
N LEU B 6 -16.22 -22.22 -14.72
CA LEU B 6 -16.54 -20.84 -15.02
C LEU B 6 -15.75 -20.39 -16.24
N ILE B 7 -16.35 -19.50 -17.01
CA ILE B 7 -15.71 -18.96 -18.19
C ILE B 7 -15.13 -17.60 -17.84
N VAL B 8 -13.83 -17.47 -18.06
CA VAL B 8 -13.10 -16.26 -17.74
C VAL B 8 -12.74 -15.55 -19.04
N THR B 9 -13.19 -14.31 -19.18
CA THR B 9 -12.82 -13.49 -20.32
C THR B 9 -11.63 -12.64 -19.93
N THR B 10 -10.70 -12.45 -20.86
CA THR B 10 -9.51 -11.67 -20.58
C THR B 10 -8.95 -11.18 -21.90
N LEU B 11 -7.81 -10.50 -21.81
CA LEU B 11 -7.12 -10.00 -22.98
C LEU B 11 -5.64 -9.90 -22.63
N LEU B 12 -4.82 -9.85 -23.68
CA LEU B 12 -3.38 -9.83 -23.50
C LEU B 12 -2.91 -8.42 -23.18
N GLU B 13 -2.20 -8.27 -22.07
CA GLU B 13 -1.63 -6.99 -21.64
C GLU B 13 -0.51 -7.35 -20.68
N GLU B 14 0.77 -6.90 -20.97
CA GLU B 14 1.89 -7.24 -20.10
C GLU B 14 1.84 -6.32 -18.88
N PRO B 15 2.14 -6.82 -17.67
CA PRO B 15 2.51 -8.19 -17.27
C PRO B 15 1.34 -8.95 -16.65
N PHE B 16 0.16 -8.50 -17.02
CA PHE B 16 -1.04 -9.07 -16.44
C PHE B 16 -1.38 -10.42 -17.06
N VAL B 17 -1.42 -10.48 -18.39
CA VAL B 17 -1.90 -11.65 -19.13
C VAL B 17 -1.04 -11.75 -20.38
N MET B 18 -0.31 -12.85 -20.54
CA MET B 18 0.65 -13.03 -21.62
C MET B 18 0.63 -14.48 -22.08
N PHE B 19 1.00 -14.72 -23.34
CA PHE B 19 1.34 -16.06 -23.78
C PHE B 19 2.69 -16.45 -23.20
N ARG B 20 2.77 -17.59 -22.53
CA ARG B 20 4.08 -18.05 -22.07
C ARG B 20 4.79 -18.67 -23.26
N LYS B 21 6.09 -18.43 -23.33
CA LYS B 21 6.88 -18.95 -24.43
C LYS B 21 7.02 -20.46 -24.29
N SER B 22 7.00 -21.15 -25.43
CA SER B 22 7.08 -22.60 -25.48
C SER B 22 7.63 -22.99 -26.85
N ASP B 23 8.37 -24.10 -26.90
CA ASP B 23 8.80 -24.66 -28.17
C ASP B 23 7.66 -25.33 -28.92
N ARG B 24 6.71 -25.88 -28.19
CA ARG B 24 5.52 -26.52 -28.74
C ARG B 24 4.31 -25.63 -28.54
N THR B 25 3.20 -26.01 -29.15
CA THR B 25 1.98 -25.24 -28.99
C THR B 25 1.25 -25.72 -27.73
N LEU B 26 1.06 -24.82 -26.79
CA LEU B 26 0.26 -25.12 -25.61
C LEU B 26 -1.22 -24.91 -25.90
N TYR B 27 -2.07 -25.61 -25.16
CA TYR B 27 -3.50 -25.39 -25.29
C TYR B 27 -4.15 -25.15 -23.93
N GLY B 28 -5.36 -24.59 -23.98
CA GLY B 28 -6.11 -24.37 -22.75
C GLY B 28 -5.48 -23.31 -21.86
N ASN B 29 -5.80 -23.39 -20.58
CA ASN B 29 -5.28 -22.42 -19.60
C ASN B 29 -3.76 -22.40 -19.56
N ASP B 30 -3.11 -23.49 -19.96
CA ASP B 30 -1.67 -23.58 -19.93
C ASP B 30 -1.00 -22.60 -20.87
N ARG B 31 -1.75 -21.98 -21.78
CA ARG B 31 -1.17 -21.01 -22.67
C ARG B 31 -0.75 -19.72 -21.98
N PHE B 32 -1.30 -19.43 -20.80
CA PHE B 32 -1.25 -18.09 -20.26
C PHE B 32 -0.43 -18.02 -18.99
N GLU B 33 0.23 -16.88 -18.79
CA GLU B 33 0.86 -16.58 -17.50
C GLU B 33 0.76 -15.09 -17.24
N GLY B 34 1.05 -14.71 -16.01
CA GLY B 34 1.10 -13.29 -15.71
C GLY B 34 0.44 -12.98 -14.38
N TYR B 35 0.46 -11.73 -13.97
CA TYR B 35 -0.07 -11.36 -12.65
C TYR B 35 -1.53 -11.76 -12.51
N CYS B 36 -2.34 -11.51 -13.54
CA CYS B 36 -3.77 -11.79 -13.45
C CYS B 36 -4.06 -13.29 -13.56
N ILE B 37 -3.19 -14.04 -14.25
CA ILE B 37 -3.30 -15.50 -14.24
C ILE B 37 -3.01 -16.06 -12.86
N ASP B 38 -1.94 -15.58 -12.20
CA ASP B 38 -1.69 -15.96 -10.80
C ASP B 38 -2.88 -15.58 -9.89
N LEU B 39 -3.40 -14.36 -10.06
CA LEU B 39 -4.55 -13.95 -9.25
C LEU B 39 -5.74 -14.88 -9.49
N LEU B 40 -6.02 -15.21 -10.74
CA LEU B 40 -7.09 -16.17 -11.02
C LEU B 40 -6.81 -17.52 -10.39
N LYS B 41 -5.59 -18.02 -10.48
CA LYS B 41 -5.31 -19.28 -9.82
C LYS B 41 -5.61 -19.18 -8.32
N GLU B 42 -5.20 -18.10 -7.68
CA GLU B 42 -5.42 -17.98 -6.24
C GLU B 42 -6.90 -17.97 -5.94
N LEU B 43 -7.65 -17.20 -6.73
CA LEU B 43 -9.08 -17.11 -6.54
C LEU B 43 -9.74 -18.47 -6.72
N ALA B 44 -9.36 -19.19 -7.78
CA ALA B 44 -9.91 -20.52 -8.01
C ALA B 44 -9.59 -21.47 -6.85
N HIS B 45 -8.40 -21.37 -6.26
CA HIS B 45 -8.19 -22.29 -5.14
C HIS B 45 -8.93 -21.85 -3.88
N ILE B 46 -8.95 -20.56 -3.58
CA ILE B 46 -9.64 -20.08 -2.39
C ILE B 46 -11.13 -20.44 -2.43
N LEU B 47 -11.79 -20.21 -3.56
CA LEU B 47 -13.22 -20.43 -3.66
C LEU B 47 -13.59 -21.79 -4.22
N GLY B 48 -12.64 -22.53 -4.78
CA GLY B 48 -12.97 -23.86 -5.25
C GLY B 48 -13.82 -23.92 -6.51
N PHE B 49 -13.36 -23.29 -7.60
CA PHE B 49 -14.06 -23.37 -8.88
C PHE B 49 -13.05 -23.72 -9.96
N SER B 50 -13.54 -24.39 -10.99
CA SER B 50 -12.82 -24.65 -12.22
C SER B 50 -13.08 -23.54 -13.21
N TYR B 51 -12.12 -23.30 -14.11
CA TYR B 51 -12.28 -22.21 -15.07
C TYR B 51 -11.67 -22.58 -16.42
N GLU B 52 -12.16 -21.89 -17.44
CA GLU B 52 -11.61 -21.97 -18.79
C GLU B 52 -11.36 -20.54 -19.24
N ILE B 53 -10.13 -20.22 -19.60
CA ILE B 53 -9.76 -18.86 -20.00
C ILE B 53 -10.07 -18.68 -21.48
N ARG B 54 -10.74 -17.60 -21.80
CA ARG B 54 -11.05 -17.28 -23.19
C ARG B 54 -10.77 -15.82 -23.46
N LEU B 55 -9.93 -15.57 -24.44
CA LEU B 55 -9.65 -14.19 -24.81
C LEU B 55 -10.88 -13.58 -25.46
N VAL B 56 -11.16 -12.33 -25.12
CA VAL B 56 -12.29 -11.64 -25.74
C VAL B 56 -12.00 -11.46 -27.22
N GLU B 57 -12.98 -11.81 -28.05
CA GLU B 57 -12.71 -11.88 -29.49
C GLU B 57 -12.25 -10.53 -30.04
N ASP B 58 -12.88 -9.42 -29.62
CA ASP B 58 -12.46 -8.12 -30.16
C ASP B 58 -11.24 -7.52 -29.44
N GLY B 59 -10.71 -8.19 -28.42
CA GLY B 59 -9.52 -7.70 -27.73
C GLY B 59 -9.65 -6.35 -27.05
N LYS B 60 -10.86 -5.99 -26.63
CA LYS B 60 -11.11 -4.69 -26.01
C LYS B 60 -11.52 -4.83 -24.56
N TYR B 61 -11.28 -3.78 -23.77
CA TYR B 61 -11.66 -3.75 -22.32
C TYR B 61 -13.18 -3.62 -22.16
N GLY B 62 -13.77 -2.65 -22.84
CA GLY B 62 -15.23 -2.41 -22.79
C GLY B 62 -15.54 -0.92 -22.88
N ALA B 63 -16.28 -0.48 -23.90
CA ALA B 63 -16.66 0.93 -24.10
C ALA B 63 -18.07 0.97 -24.70
N GLN B 64 -18.75 2.10 -24.56
CA GLN B 64 -20.13 2.29 -25.06
C GLN B 64 -20.08 3.02 -26.39
N ASP B 65 -20.77 2.51 -27.40
CA ASP B 65 -20.84 3.17 -28.71
C ASP B 65 -21.81 4.35 -28.66
N ASP B 66 -22.31 4.75 -29.83
CA ASP B 66 -23.19 5.91 -29.91
C ASP B 66 -24.46 5.70 -29.10
N LYS B 67 -25.10 4.54 -29.25
CA LYS B 67 -26.35 4.23 -28.58
C LYS B 67 -26.17 3.23 -27.43
N GLY B 68 -25.11 3.41 -26.63
CA GLY B 68 -24.95 2.70 -25.39
C GLY B 68 -24.58 1.24 -25.50
N GLN B 69 -24.33 0.72 -26.71
CA GLN B 69 -23.93 -0.66 -26.86
C GLN B 69 -22.49 -0.83 -26.38
N TRP B 70 -22.25 -1.90 -25.63
CA TRP B 70 -20.94 -2.18 -25.06
C TRP B 70 -20.15 -3.13 -25.96
N ASN B 71 -18.83 -3.05 -25.85
CA ASN B 71 -17.95 -4.01 -26.52
C ASN B 71 -17.01 -4.64 -25.48
N GLY B 72 -16.09 -5.48 -25.96
CA GLY B 72 -15.01 -6.01 -25.13
C GLY B 72 -15.49 -6.93 -24.01
N MET B 73 -14.65 -7.06 -22.98
CA MET B 73 -14.95 -7.94 -21.86
C MET B 73 -16.24 -7.53 -21.16
N VAL B 74 -16.45 -6.23 -21.01
CA VAL B 74 -17.69 -5.76 -20.39
C VAL B 74 -18.87 -6.36 -21.13
N LYS B 75 -18.83 -6.26 -22.46
CA LYS B 75 -19.88 -6.85 -23.29
C LYS B 75 -20.05 -8.33 -23.00
N GLU B 76 -18.94 -9.07 -22.90
CA GLU B 76 -19.04 -10.50 -22.68
C GLU B 76 -19.78 -10.80 -21.39
N LEU B 77 -19.51 -10.01 -20.35
CA LEU B 77 -20.18 -10.25 -19.08
C LEU B 77 -21.67 -9.87 -19.17
N ILE B 78 -21.96 -8.70 -19.74
CA ILE B 78 -23.35 -8.28 -19.89
C ILE B 78 -24.15 -9.36 -20.60
N ASP B 79 -23.63 -9.87 -21.71
CA ASP B 79 -24.30 -10.90 -22.49
C ASP B 79 -24.23 -12.25 -21.83
N HIS B 80 -23.60 -12.35 -20.67
CA HIS B 80 -23.48 -13.62 -19.97
C HIS B 80 -22.77 -14.68 -20.80
N LYS B 81 -21.76 -14.26 -21.56
CA LYS B 81 -20.87 -15.21 -22.22
C LYS B 81 -19.65 -15.55 -21.37
N ALA B 82 -19.39 -14.81 -20.31
CA ALA B 82 -18.33 -15.14 -19.39
C ALA B 82 -18.83 -14.88 -17.97
N ASP B 83 -18.32 -15.67 -17.03
CA ASP B 83 -18.66 -15.53 -15.63
C ASP B 83 -17.77 -14.56 -14.89
N LEU B 84 -16.52 -14.42 -15.32
CA LEU B 84 -15.60 -13.49 -14.71
C LEU B 84 -14.77 -12.81 -15.79
N ALA B 85 -14.39 -11.56 -15.54
CA ALA B 85 -13.36 -10.88 -16.33
C ALA B 85 -12.16 -10.66 -15.42
N VAL B 86 -11.02 -11.24 -15.78
CA VAL B 86 -9.79 -11.13 -14.99
C VAL B 86 -8.75 -10.48 -15.91
N ALA B 87 -8.46 -9.22 -15.65
CA ALA B 87 -7.67 -8.36 -16.51
C ALA B 87 -7.36 -7.10 -15.74
N PRO B 88 -6.44 -6.27 -16.22
CA PRO B 88 -6.33 -4.91 -15.67
C PRO B 88 -7.53 -4.05 -16.08
N LEU B 89 -8.71 -4.44 -15.61
CA LEU B 89 -9.95 -3.78 -15.98
C LEU B 89 -10.29 -2.72 -14.95
N THR B 90 -10.39 -1.48 -15.42
CA THR B 90 -10.57 -0.35 -14.52
C THR B 90 -12.02 -0.22 -14.01
N ILE B 91 -12.14 -0.11 -12.68
CA ILE B 91 -13.44 0.14 -12.06
C ILE B 91 -13.86 1.57 -12.35
N THR B 92 -15.01 1.73 -13.01
CA THR B 92 -15.52 3.06 -13.33
C THR B 92 -17.01 3.11 -13.03
N HIS B 93 -17.49 4.32 -12.74
CA HIS B 93 -18.90 4.47 -12.41
C HIS B 93 -19.78 3.96 -13.54
N VAL B 94 -19.44 4.32 -14.78
CA VAL B 94 -20.26 3.92 -15.93
C VAL B 94 -20.36 2.40 -16.01
N ARG B 95 -19.23 1.71 -15.87
CA ARG B 95 -19.23 0.25 -15.99
C ARG B 95 -20.01 -0.40 -14.85
N GLU B 96 -19.92 0.15 -13.63
CA GLU B 96 -20.69 -0.34 -12.49
C GLU B 96 -22.19 -0.33 -12.75
N LYS B 97 -22.65 0.56 -13.62
CA LYS B 97 -24.05 0.52 -14.01
C LYS B 97 -24.38 -0.74 -14.83
N ALA B 98 -23.36 -1.40 -15.39
CA ALA B 98 -23.61 -2.51 -16.29
C ALA B 98 -23.13 -3.85 -15.76
N ILE B 99 -22.04 -3.87 -15.00
CA ILE B 99 -21.52 -5.11 -14.46
C ILE B 99 -21.18 -4.90 -13.00
N ASP B 100 -20.92 -6.00 -12.30
CA ASP B 100 -20.50 -5.96 -10.91
C ASP B 100 -18.99 -6.11 -10.84
N PHE B 101 -18.33 -5.35 -9.96
CA PHE B 101 -16.90 -5.48 -9.75
C PHE B 101 -16.63 -6.02 -8.35
N SER B 102 -15.57 -6.82 -8.20
CA SER B 102 -15.04 -7.04 -6.84
C SER B 102 -14.46 -5.73 -6.29
N LYS B 103 -14.13 -5.72 -4.99
CA LYS B 103 -13.21 -4.69 -4.52
C LYS B 103 -11.90 -4.76 -5.31
N PRO B 104 -11.15 -3.67 -5.39
CA PRO B 104 -9.95 -3.67 -6.25
C PRO B 104 -8.86 -4.59 -5.71
N PHE B 105 -8.18 -5.27 -6.63
CA PHE B 105 -7.00 -6.02 -6.25
C PHE B 105 -5.74 -5.21 -6.47
N MET B 106 -5.84 -4.06 -7.11
CA MET B 106 -4.72 -3.19 -7.41
C MET B 106 -5.28 -1.79 -7.55
N THR B 107 -4.57 -0.81 -6.99
CA THR B 107 -4.94 0.59 -7.13
C THR B 107 -3.89 1.34 -7.93
N LEU B 108 -4.30 2.44 -8.55
CA LEU B 108 -3.48 3.12 -9.54
C LEU B 108 -4.10 4.49 -9.81
N GLY B 109 -3.47 5.23 -10.73
CA GLY B 109 -4.09 6.41 -11.28
C GLY B 109 -3.53 6.66 -12.66
N VAL B 110 -4.16 7.60 -13.36
CA VAL B 110 -3.62 8.07 -14.63
C VAL B 110 -2.35 8.87 -14.41
N SER B 111 -1.35 8.64 -15.26
CA SER B 111 -0.13 9.45 -15.25
C SER B 111 0.41 9.55 -16.68
N ILE B 112 1.65 10.02 -16.81
CA ILE B 112 2.27 10.33 -18.10
C ILE B 112 3.50 9.46 -18.33
N LEU B 113 3.58 8.84 -19.50
CA LEU B 113 4.78 8.13 -19.95
C LEU B 113 5.45 8.96 -21.02
N TYR B 114 6.75 9.22 -20.86
CA TYR B 114 7.48 10.09 -21.79
C TYR B 114 8.97 9.81 -21.65
N ARG B 115 9.73 10.35 -22.60
CA ARG B 115 11.18 10.18 -22.59
C ARG B 115 11.79 10.85 -21.37
N LYS B 116 12.97 10.35 -20.98
CA LYS B 116 13.73 10.97 -19.91
C LYS B 116 14.44 12.23 -20.41
N GLY B 117 14.89 13.04 -19.46
CA GLY B 117 15.73 14.19 -19.78
C GLY B 117 15.05 15.33 -20.51
N THR B 118 13.80 15.63 -20.17
CA THR B 118 13.08 16.75 -20.74
C THR B 118 12.53 17.61 -19.61
N PRO B 119 12.48 18.93 -19.81
CA PRO B 119 12.05 19.81 -18.71
C PRO B 119 10.59 19.65 -18.31
N ILE B 120 9.81 18.84 -19.03
CA ILE B 120 8.39 18.70 -18.72
C ILE B 120 8.24 17.95 -17.41
N ASP B 121 7.31 18.42 -16.57
CA ASP B 121 7.16 17.90 -15.22
C ASP B 121 5.71 17.71 -14.81
N SER B 122 4.74 17.99 -15.68
CA SER B 122 3.36 18.02 -15.26
C SER B 122 2.43 17.84 -16.45
N ALA B 123 1.19 17.49 -16.15
CA ALA B 123 0.14 17.58 -17.15
C ALA B 123 -0.06 19.03 -17.59
N ASP B 124 -0.03 19.97 -16.64
CA ASP B 124 -0.16 21.38 -16.98
C ASP B 124 0.79 21.77 -18.11
N ASP B 125 2.02 21.24 -18.06
CA ASP B 125 3.01 21.60 -19.06
C ASP B 125 2.55 21.19 -20.46
N LEU B 126 2.17 19.93 -20.62
CA LEU B 126 1.74 19.46 -21.93
C LEU B 126 0.55 20.27 -22.44
N ALA B 127 -0.40 20.58 -21.55
CA ALA B 127 -1.62 21.26 -21.97
C ALA B 127 -1.33 22.62 -22.59
N LYS B 128 -0.28 23.31 -22.13
CA LYS B 128 0.05 24.62 -22.66
C LYS B 128 0.72 24.56 -24.02
N GLN B 129 1.39 23.45 -24.33
CA GLN B 129 2.24 23.36 -25.51
C GLN B 129 1.53 22.63 -26.62
N THR B 130 1.98 22.87 -27.85
CA THR B 130 1.52 22.18 -29.04
C THR B 130 2.59 21.32 -29.69
N LYS B 131 3.84 21.43 -29.23
CA LYS B 131 4.93 20.75 -29.91
C LYS B 131 5.00 19.27 -29.58
N ILE B 132 4.66 18.89 -28.35
CA ILE B 132 4.71 17.50 -27.91
C ILE B 132 3.29 16.95 -27.97
N GLU B 133 3.03 16.10 -28.95
CA GLU B 133 1.76 15.39 -29.03
C GLU B 133 1.55 14.57 -27.76
N TYR B 134 0.29 14.29 -27.46
CA TYR B 134 -0.03 13.39 -26.35
C TYR B 134 -1.42 12.79 -26.57
N GLY B 135 -1.65 11.65 -25.93
CA GLY B 135 -2.91 10.97 -26.10
C GLY B 135 -3.05 9.77 -25.18
N ALA B 136 -4.05 8.96 -25.48
CA ALA B 136 -4.37 7.82 -24.66
C ALA B 136 -4.87 6.71 -25.58
N VAL B 137 -5.05 5.53 -25.00
CA VAL B 137 -5.70 4.44 -25.72
C VAL B 137 -7.14 4.82 -25.98
N LYS B 138 -7.54 4.75 -27.25
CA LYS B 138 -8.87 5.14 -27.68
C LYS B 138 -9.97 4.40 -26.90
N ASP B 139 -10.91 5.16 -26.36
CA ASP B 139 -12.09 4.65 -25.70
C ASP B 139 -11.79 3.85 -24.43
N GLY B 140 -10.57 3.87 -23.95
CA GLY B 140 -10.29 3.21 -22.69
C GLY B 140 -10.66 4.10 -21.53
N ALA B 141 -10.46 3.58 -20.31
CA ALA B 141 -10.78 4.33 -19.10
C ALA B 141 -10.04 5.66 -19.07
N THR B 142 -8.77 5.66 -19.50
CA THR B 142 -7.99 6.89 -19.43
C THR B 142 -8.56 7.94 -20.37
N MET B 143 -8.76 7.60 -21.64
CA MET B 143 -9.34 8.57 -22.56
C MET B 143 -10.68 9.08 -22.04
N THR B 144 -11.53 8.17 -21.56
CA THR B 144 -12.82 8.57 -21.02
C THR B 144 -12.67 9.51 -19.84
N PHE B 145 -11.59 9.40 -19.07
CA PHE B 145 -11.39 10.33 -17.96
C PHE B 145 -11.30 11.76 -18.47
N PHE B 146 -10.51 11.99 -19.51
CA PHE B 146 -10.30 13.33 -20.03
C PHE B 146 -11.55 13.84 -20.73
N LYS B 147 -12.24 12.97 -21.47
CA LYS B 147 -13.45 13.39 -22.16
C LYS B 147 -14.49 13.92 -21.18
N LYS B 148 -14.51 13.38 -19.96
CA LYS B 148 -15.53 13.70 -18.98
C LYS B 148 -15.07 14.72 -17.95
N SER B 149 -13.82 15.17 -18.02
CA SER B 149 -13.32 16.10 -17.01
C SER B 149 -13.94 17.47 -17.21
N LYS B 150 -14.22 18.14 -16.09
CA LYS B 150 -14.57 19.56 -16.11
C LYS B 150 -13.53 20.40 -15.38
N ILE B 151 -12.32 19.87 -15.22
CA ILE B 151 -11.17 20.66 -14.80
C ILE B 151 -10.55 21.24 -16.06
N SER B 152 -9.98 22.45 -15.95
CA SER B 152 -9.59 23.18 -17.15
C SER B 152 -8.43 22.51 -17.87
N THR B 153 -7.41 22.09 -17.13
CA THR B 153 -6.23 21.49 -17.77
C THR B 153 -6.61 20.25 -18.58
N PHE B 154 -7.42 19.37 -17.99
CA PHE B 154 -7.80 18.15 -18.69
C PHE B 154 -8.81 18.43 -19.78
N GLU B 155 -9.57 19.51 -19.64
CA GLU B 155 -10.49 19.90 -20.71
C GLU B 155 -9.72 20.30 -21.96
N LYS B 156 -8.66 21.09 -21.78
CA LYS B 156 -7.87 21.53 -22.94
C LYS B 156 -7.10 20.36 -23.53
N MET B 157 -6.46 19.55 -22.67
CA MET B 157 -5.80 18.33 -23.15
C MET B 157 -6.79 17.50 -23.95
N TRP B 158 -8.01 17.34 -23.46
CA TRP B 158 -9.01 16.59 -24.21
C TRP B 158 -9.33 17.26 -25.54
N ALA B 159 -9.35 18.60 -25.57
CA ALA B 159 -9.64 19.30 -26.80
C ALA B 159 -8.58 19.03 -27.87
N PHE B 160 -7.34 18.76 -27.46
CA PHE B 160 -6.28 18.44 -28.40
C PHE B 160 -6.39 16.99 -28.88
N MET B 161 -6.70 16.06 -27.98
CA MET B 161 -6.79 14.65 -28.37
C MET B 161 -7.90 14.44 -29.39
N SER B 162 -8.99 15.19 -29.27
CA SER B 162 -10.01 15.16 -30.31
C SER B 162 -9.55 15.92 -31.55
N SER B 163 -8.98 17.11 -31.35
CA SER B 163 -8.42 17.88 -32.46
C SER B 163 -7.50 17.01 -33.32
N LYS B 164 -6.61 16.26 -32.66
CA LYS B 164 -5.75 15.30 -33.34
C LYS B 164 -6.33 13.91 -33.15
N PRO B 165 -7.26 13.47 -34.02
CA PRO B 165 -7.68 12.05 -33.94
C PRO B 165 -6.49 11.11 -34.01
N SER B 166 -5.50 11.47 -34.83
CA SER B 166 -4.18 10.85 -34.83
C SER B 166 -3.67 10.54 -33.43
N ALA B 167 -3.86 11.47 -32.50
CA ALA B 167 -3.18 11.42 -31.21
C ALA B 167 -3.65 10.27 -30.31
N LEU B 168 -4.79 9.64 -30.62
CA LEU B 168 -5.24 8.49 -29.85
C LEU B 168 -4.67 7.21 -30.44
N VAL B 169 -4.33 6.27 -29.56
CA VAL B 169 -3.68 5.03 -29.96
C VAL B 169 -4.64 3.85 -29.71
N LYS B 170 -4.34 2.74 -30.37
CA LYS B 170 -5.21 1.58 -30.32
C LYS B 170 -4.99 0.77 -29.05
N ASN B 171 -3.78 0.75 -28.53
CA ASN B 171 -3.49 0.00 -27.32
C ASN B 171 -2.22 0.54 -26.73
N ASN B 172 -1.85 0.00 -25.56
CA ASN B 172 -0.65 0.45 -24.85
C ASN B 172 0.58 0.29 -25.75
N GLU B 173 0.72 -0.88 -26.36
CA GLU B 173 1.89 -1.19 -27.16
C GLU B 173 2.12 -0.12 -28.22
N GLU B 174 1.06 0.21 -28.98
CA GLU B 174 1.21 1.24 -30.00
C GLU B 174 1.59 2.56 -29.36
N GLY B 175 0.99 2.84 -28.20
CA GLY B 175 1.30 4.07 -27.50
C GLY B 175 2.76 4.12 -27.07
N ILE B 176 3.30 2.99 -26.60
CA ILE B 176 4.70 2.96 -26.17
C ILE B 176 5.63 3.19 -27.35
N GLN B 177 5.36 2.53 -28.49
CA GLN B 177 6.10 2.76 -29.72
C GLN B 177 6.17 4.24 -30.08
N ARG B 178 5.02 4.95 -30.01
CA ARG B 178 5.03 6.37 -30.35
C ARG B 178 5.89 7.17 -29.38
N THR B 179 5.82 6.82 -28.09
CA THR B 179 6.69 7.48 -27.12
C THR B 179 8.16 7.29 -27.46
N LEU B 180 8.52 6.15 -28.04
CA LEU B 180 9.91 5.89 -28.36
C LEU B 180 10.33 6.49 -29.69
N THR B 181 9.42 6.64 -30.65
CA THR B 181 9.76 7.09 -31.99
C THR B 181 9.43 8.55 -32.25
N ALA B 182 8.33 9.06 -31.70
CA ALA B 182 7.87 10.41 -31.97
C ALA B 182 7.96 11.26 -30.70
N ASP B 183 7.74 12.57 -30.89
CA ASP B 183 7.68 13.50 -29.77
C ASP B 183 6.28 13.43 -29.19
N TYR B 184 6.03 12.35 -28.46
CA TYR B 184 4.70 12.00 -28.00
C TYR B 184 4.76 11.54 -26.56
N ALA B 185 3.78 11.96 -25.77
CA ALA B 185 3.61 11.52 -24.39
C ALA B 185 2.30 10.73 -24.29
N LEU B 186 2.36 9.59 -23.61
CA LEU B 186 1.21 8.70 -23.53
C LEU B 186 0.56 8.83 -22.15
N LEU B 187 -0.75 9.01 -22.14
CA LEU B 187 -1.49 9.06 -20.91
C LEU B 187 -1.89 7.63 -20.59
N MET B 188 -1.36 7.10 -19.50
CA MET B 188 -1.42 5.68 -19.23
C MET B 188 -1.58 5.44 -17.74
N GLU B 189 -2.12 4.27 -17.39
CA GLU B 189 -2.32 3.91 -15.99
C GLU B 189 -1.01 3.57 -15.31
N SER B 190 -0.88 4.00 -14.05
CA SER B 190 0.43 4.21 -13.45
C SER B 190 1.18 2.90 -13.24
N THR B 191 0.48 1.81 -12.93
CA THR B 191 1.27 0.60 -12.67
C THR B 191 1.79 -0.02 -13.97
N THR B 192 1.17 0.32 -15.10
CA THR B 192 1.73 -0.08 -16.40
C THR B 192 2.96 0.75 -16.71
N ILE B 193 2.91 2.05 -16.41
CA ILE B 193 4.09 2.90 -16.53
C ILE B 193 5.24 2.32 -15.73
N GLU B 194 5.00 2.01 -14.46
CA GLU B 194 6.01 1.34 -13.64
C GLU B 194 6.61 0.13 -14.36
N TYR B 195 5.78 -0.79 -14.84
CA TYR B 195 6.31 -1.94 -15.56
C TYR B 195 7.22 -1.52 -16.71
N ILE B 196 6.79 -0.53 -17.50
CA ILE B 196 7.55 -0.16 -18.69
C ILE B 196 8.85 0.56 -18.34
N THR B 197 8.83 1.47 -17.36
CA THR B 197 10.03 2.23 -16.99
C THR B 197 11.09 1.32 -16.37
N GLN B 198 10.66 0.23 -15.75
CA GLN B 198 11.63 -0.71 -15.23
C GLN B 198 12.38 -1.45 -16.33
N ARG B 199 11.82 -1.47 -17.54
CA ARG B 199 12.38 -2.23 -18.66
C ARG B 199 12.91 -1.35 -19.76
N ASN B 200 12.39 -0.14 -19.90
CA ASN B 200 12.89 0.84 -20.87
C ASN B 200 13.51 2.01 -20.12
N CYS B 201 14.84 1.97 -20.00
CA CYS B 201 15.52 2.88 -19.08
C CYS B 201 15.53 4.31 -19.59
N ASN B 202 15.23 4.54 -20.87
CA ASN B 202 15.18 5.90 -21.39
C ASN B 202 13.80 6.52 -21.29
N LEU B 203 12.81 5.81 -20.77
CA LEU B 203 11.49 6.36 -20.54
C LEU B 203 11.29 6.61 -19.06
N THR B 204 10.32 7.47 -18.76
CA THR B 204 10.07 7.84 -17.37
C THR B 204 8.60 8.23 -17.21
N GLN B 205 8.17 8.28 -15.94
CA GLN B 205 6.88 8.85 -15.58
C GLN B 205 7.03 10.36 -15.36
N ILE B 206 6.14 11.14 -15.98
CA ILE B 206 6.14 12.59 -15.85
C ILE B 206 5.09 12.97 -14.82
N GLY B 207 5.53 13.43 -13.66
CA GLY B 207 4.61 13.89 -12.64
C GLY B 207 4.06 12.74 -11.82
N GLY B 208 2.94 13.02 -11.14
CA GLY B 208 2.31 12.07 -10.26
C GLY B 208 1.02 11.54 -10.83
N LEU B 209 0.19 11.00 -9.94
CA LEU B 209 -1.13 10.53 -10.32
C LEU B 209 -2.10 11.69 -10.41
N ILE B 210 -2.82 11.78 -11.55
CA ILE B 210 -3.81 12.84 -11.70
C ILE B 210 -5.20 12.39 -11.25
N ASP B 211 -5.39 11.11 -10.96
CA ASP B 211 -6.57 10.62 -10.28
C ASP B 211 -6.18 9.35 -9.54
N SER B 212 -7.16 8.65 -8.98
CA SER B 212 -6.89 7.39 -8.29
C SER B 212 -8.06 6.45 -8.52
N LYS B 213 -7.77 5.17 -8.71
CA LYS B 213 -8.80 4.18 -9.00
C LYS B 213 -8.20 2.78 -8.92
N GLY B 214 -9.00 1.79 -9.26
CA GLY B 214 -8.62 0.42 -9.00
C GLY B 214 -8.95 -0.47 -10.18
N TYR B 215 -8.23 -1.58 -10.25
CA TYR B 215 -8.62 -2.72 -11.06
C TYR B 215 -9.43 -3.68 -10.20
N GLY B 216 -10.53 -4.17 -10.76
CA GLY B 216 -11.32 -5.18 -10.10
C GLY B 216 -11.65 -6.32 -11.03
N ILE B 217 -12.05 -7.43 -10.43
CA ILE B 217 -12.59 -8.58 -11.16
C ILE B 217 -14.01 -8.25 -11.56
N GLY B 218 -14.32 -8.36 -12.85
CA GLY B 218 -15.68 -8.06 -13.31
C GLY B 218 -16.53 -9.31 -13.32
N THR B 219 -17.81 -9.14 -13.01
CA THR B 219 -18.79 -10.23 -13.09
C THR B 219 -20.08 -9.67 -13.72
N PRO B 220 -20.95 -10.56 -14.19
CA PRO B 220 -22.27 -10.06 -14.63
C PRO B 220 -23.00 -9.51 -13.42
N MET B 221 -23.79 -8.46 -13.63
CA MET B 221 -24.55 -7.88 -12.55
C MET B 221 -25.39 -8.95 -11.86
N GLY B 222 -25.28 -9.00 -10.53
CA GLY B 222 -25.98 -10.00 -9.75
C GLY B 222 -25.28 -11.32 -9.59
N SER B 223 -24.06 -11.45 -10.10
CA SER B 223 -23.35 -12.71 -10.00
C SER B 223 -23.21 -13.14 -8.54
N PRO B 224 -23.47 -14.41 -8.23
CA PRO B 224 -23.22 -14.90 -6.86
C PRO B 224 -21.73 -15.03 -6.49
N TYR B 225 -20.82 -14.76 -7.42
CA TYR B 225 -19.39 -14.90 -7.14
C TYR B 225 -18.71 -13.61 -6.75
N ARG B 226 -19.30 -12.45 -7.03
CA ARG B 226 -18.60 -11.19 -6.79
C ARG B 226 -18.16 -11.06 -5.33
N ASP B 227 -19.08 -11.32 -4.40
CA ASP B 227 -18.81 -11.09 -2.98
C ASP B 227 -17.74 -12.04 -2.49
N LYS B 228 -17.81 -13.28 -2.96
CA LYS B 228 -16.78 -14.25 -2.63
C LYS B 228 -15.44 -13.83 -3.17
N ILE B 229 -15.41 -13.33 -4.41
CA ILE B 229 -14.13 -12.89 -4.95
C ILE B 229 -13.59 -11.74 -4.11
N THR B 230 -14.46 -10.82 -3.70
CA THR B 230 -14.03 -9.71 -2.83
C THR B 230 -13.36 -10.23 -1.57
N ILE B 231 -14.00 -11.19 -0.89
CA ILE B 231 -13.43 -11.76 0.34
C ILE B 231 -12.09 -12.44 0.04
N ALA B 232 -12.02 -13.21 -1.05
CA ALA B 232 -10.77 -13.85 -1.44
C ALA B 232 -9.66 -12.80 -1.62
N ILE B 233 -9.98 -11.68 -2.26
CA ILE B 233 -8.98 -10.66 -2.51
C ILE B 233 -8.51 -10.06 -1.19
N LEU B 234 -9.44 -9.77 -0.28
CA LEU B 234 -9.05 -9.26 1.02
C LEU B 234 -8.15 -10.25 1.77
N GLN B 235 -8.44 -11.55 1.65
CA GLN B 235 -7.57 -12.53 2.29
C GLN B 235 -6.18 -12.58 1.65
N LEU B 236 -6.12 -12.49 0.32
CA LEU B 236 -4.82 -12.42 -0.35
C LEU B 236 -4.05 -11.18 0.05
N GLN B 237 -4.75 -10.05 0.14
CA GLN B 237 -4.13 -8.80 0.55
C GLN B 237 -3.52 -8.94 1.94
N GLU B 238 -4.27 -9.55 2.86
CA GLU B 238 -3.82 -9.63 4.22
C GLU B 238 -2.65 -10.59 4.37
N GLU B 239 -2.58 -11.61 3.52
CA GLU B 239 -1.52 -12.60 3.49
C GLU B 239 -0.27 -12.11 2.77
N ASP B 240 -0.26 -10.85 2.33
CA ASP B 240 0.85 -10.26 1.58
C ASP B 240 0.98 -10.86 0.18
N LYS B 241 0.01 -11.67 -0.27
CA LYS B 241 0.14 -12.34 -1.57
C LYS B 241 0.02 -11.39 -2.76
N LEU B 242 -0.78 -10.32 -2.65
CA LEU B 242 -0.82 -9.33 -3.72
C LEU B 242 0.51 -8.61 -3.87
N HIS B 243 1.20 -8.36 -2.74
CA HIS B 243 2.54 -7.81 -2.80
C HIS B 243 3.50 -8.79 -3.47
N ILE B 244 3.47 -10.05 -3.07
CA ILE B 244 4.38 -11.02 -3.68
C ILE B 244 4.12 -11.12 -5.18
N MET B 245 2.85 -11.16 -5.55
CA MET B 245 2.52 -11.30 -6.96
C MET B 245 3.01 -10.11 -7.76
N LYS B 246 2.86 -8.89 -7.22
CA LYS B 246 3.36 -7.71 -7.93
C LYS B 246 4.88 -7.74 -8.06
N GLU B 247 5.59 -8.15 -7.00
CA GLU B 247 7.03 -8.24 -7.09
C GLU B 247 7.45 -9.29 -8.11
N LYS B 248 6.68 -10.37 -8.23
CA LYS B 248 7.06 -11.41 -9.17
C LYS B 248 7.03 -10.87 -10.61
N TRP B 249 6.01 -10.08 -10.96
CA TRP B 249 5.77 -9.72 -12.35
C TRP B 249 6.29 -8.34 -12.74
N TRP B 250 6.61 -7.49 -11.77
CA TRP B 250 7.27 -6.22 -12.05
C TRP B 250 8.79 -6.33 -11.87
N ARG B 251 9.36 -7.48 -12.20
CA ARG B 251 10.83 -7.67 -12.24
C ARG B 251 11.31 -6.73 -13.37
N GLY B 252 12.37 -5.97 -13.16
CA GLY B 252 12.83 -4.99 -14.16
C GLY B 252 14.20 -5.31 -14.72
N SER B 253 14.51 -4.77 -15.91
CA SER B 253 15.79 -4.97 -16.61
C SER B 253 16.82 -3.93 -16.15
N GLY B 254 17.03 -3.79 -14.84
CA GLY B 254 18.14 -3.02 -14.29
C GLY B 254 18.16 -1.55 -14.67
N CYS B 255 17.04 -0.86 -14.51
CA CYS B 255 16.99 0.57 -14.75
C CYS B 255 17.20 1.32 -13.43
#